data_3HBW
#
_entry.id   3HBW
#
_cell.length_a   52.218
_cell.length_b   57.998
_cell.length_c   52.236
_cell.angle_alpha   90.00
_cell.angle_beta   93.79
_cell.angle_gamma   90.00
#
_symmetry.space_group_name_H-M   'P 1 21 1'
#
loop_
_entity.id
_entity.type
_entity.pdbx_description
1 polymer 'Fibroblast growth factor 13'
2 water water
#
_entity_poly.entity_id   1
_entity_poly.type   'polypeptide(L)'
_entity_poly.pdbx_seq_one_letter_code
;GSKKRRRRRPEPQLKGIVTKLYSRQGYHLQLQADGTIDGTKDEDSTYTLFNLIPVGLRVVAIQGVQTKLYLAMNSEGYLY
TSELFTPECKFKESVFENYYVTYSSMIYRQQQSGRGWYLGLNKEGEIMKGNHVKKNKPAAHFLPKPLKVAMYKEPSLHDL
TEFSRSGSGTPTKSRSVSGVLNGGKSMSHNEST
;
_entity_poly.pdbx_strand_id   A,B
#
# COMPACT_ATOMS: atom_id res chain seq x y z
N PRO A 12 10.24 4.34 21.38
CA PRO A 12 10.93 3.05 21.49
C PRO A 12 10.14 1.90 20.86
N GLN A 13 8.81 2.05 20.80
CA GLN A 13 7.97 1.02 20.19
C GLN A 13 6.91 1.58 19.27
N LEU A 14 7.34 1.94 18.07
CA LEU A 14 6.47 2.47 17.03
C LEU A 14 6.22 1.37 16.03
N LYS A 15 5.02 1.34 15.45
CA LYS A 15 4.70 0.35 14.45
C LYS A 15 4.97 0.98 13.08
N GLY A 16 5.90 0.39 12.35
CA GLY A 16 6.24 0.91 11.04
C GLY A 16 6.08 -0.18 9.99
N ILE A 17 6.61 0.06 8.80
CA ILE A 17 6.48 -0.94 7.76
C ILE A 17 7.76 -1.13 6.96
N VAL A 18 8.05 -2.38 6.60
CA VAL A 18 9.21 -2.72 5.79
C VAL A 18 8.63 -2.74 4.39
N THR A 19 9.19 -1.92 3.50
CA THR A 19 8.61 -1.82 2.16
C THR A 19 9.58 -1.36 1.08
N LYS A 20 9.20 -1.60 -0.17
CA LYS A 20 9.98 -1.14 -1.30
C LYS A 20 9.18 0.08 -1.75
N LEU A 21 9.83 0.99 -2.45
CA LEU A 21 9.17 2.18 -2.95
C LEU A 21 9.38 2.21 -4.46
N TYR A 22 8.31 1.91 -5.19
CA TYR A 22 8.35 1.87 -6.63
C TYR A 22 8.00 3.23 -7.23
N SER A 23 8.97 3.85 -7.87
CA SER A 23 8.75 5.15 -8.50
C SER A 23 7.81 5.01 -9.69
N ARG A 24 6.92 5.98 -9.83
CA ARG A 24 5.97 6.00 -10.94
C ARG A 24 6.75 6.06 -12.26
N GLN A 25 8.04 6.40 -12.16
CA GLN A 25 8.92 6.50 -13.32
C GLN A 25 9.45 5.14 -13.78
N GLY A 26 9.05 4.09 -13.07
CA GLY A 26 9.47 2.74 -13.44
C GLY A 26 10.67 2.14 -12.73
N TYR A 27 11.18 2.81 -11.71
CA TYR A 27 12.34 2.31 -10.96
C TYR A 27 12.08 2.15 -9.47
N HIS A 28 12.67 1.12 -8.88
CA HIS A 28 12.52 0.91 -7.43
C HIS A 28 13.62 1.71 -6.75
N LEU A 29 13.25 2.48 -5.73
CA LEU A 29 14.23 3.28 -5.00
C LEU A 29 15.24 2.33 -4.39
N GLN A 30 16.50 2.74 -4.39
CA GLN A 30 17.56 1.89 -3.84
C GLN A 30 18.60 2.69 -3.07
N LEU A 31 19.06 2.10 -1.97
CA LEU A 31 20.10 2.72 -1.13
C LEU A 31 21.20 1.67 -1.03
N GLN A 32 22.23 1.84 -1.83
CA GLN A 32 23.35 0.91 -1.87
C GLN A 32 24.32 1.03 -0.69
N ALA A 33 25.00 -0.07 -0.41
CA ALA A 33 25.95 -0.14 0.68
C ALA A 33 26.94 1.01 0.75
N ASP A 34 27.26 1.61 -0.40
CA ASP A 34 28.21 2.72 -0.43
C ASP A 34 27.55 4.08 -0.20
N GLY A 35 26.25 4.07 0.08
CA GLY A 35 25.55 5.33 0.33
C GLY A 35 24.93 6.00 -0.89
N THR A 36 25.10 5.43 -2.07
CA THR A 36 24.52 6.02 -3.28
C THR A 36 23.02 5.75 -3.30
N ILE A 37 22.27 6.75 -3.75
CA ILE A 37 20.81 6.63 -3.82
C ILE A 37 20.38 6.75 -5.26
N ASP A 38 19.64 5.76 -5.75
CA ASP A 38 19.15 5.78 -7.12
C ASP A 38 18.02 4.78 -7.31
N GLY A 39 17.63 4.57 -8.56
CA GLY A 39 16.57 3.63 -8.87
C GLY A 39 17.10 2.44 -9.64
N THR A 40 16.54 1.26 -9.39
CA THR A 40 16.98 0.05 -10.07
C THR A 40 15.80 -0.82 -10.51
N LYS A 41 16.06 -1.68 -11.48
CA LYS A 41 15.04 -2.58 -11.99
C LYS A 41 15.23 -3.95 -11.35
N ASP A 42 16.31 -4.08 -10.58
CA ASP A 42 16.61 -5.33 -9.89
C ASP A 42 15.69 -5.38 -8.67
N GLU A 43 14.39 -5.53 -8.91
CA GLU A 43 13.42 -5.59 -7.84
C GLU A 43 13.89 -6.50 -6.72
N ASP A 44 14.50 -7.61 -7.08
CA ASP A 44 15.00 -8.60 -6.12
C ASP A 44 16.19 -8.12 -5.28
N SER A 45 16.68 -6.91 -5.56
CA SER A 45 17.81 -6.38 -4.80
C SER A 45 17.44 -6.16 -3.34
N THR A 46 18.31 -6.58 -2.44
CA THR A 46 18.06 -6.42 -1.00
C THR A 46 18.21 -4.95 -0.61
N TYR A 47 18.79 -4.15 -1.49
CA TYR A 47 19.01 -2.73 -1.21
C TYR A 47 17.81 -1.85 -1.52
N THR A 48 16.70 -2.48 -1.91
CA THR A 48 15.48 -1.73 -2.23
C THR A 48 14.51 -1.80 -1.05
N LEU A 49 14.92 -2.48 0.02
CA LEU A 49 14.09 -2.61 1.22
C LEU A 49 14.33 -1.46 2.19
N PHE A 50 13.25 -0.80 2.60
CA PHE A 50 13.35 0.33 3.53
C PHE A 50 12.43 0.18 4.73
N ASN A 51 12.85 0.78 5.84
CA ASN A 51 12.03 0.83 7.03
C ASN A 51 11.38 2.21 6.98
N LEU A 52 10.06 2.26 6.93
CA LEU A 52 9.36 3.53 6.93
C LEU A 52 8.81 3.64 8.34
N ILE A 53 9.55 4.37 9.16
CA ILE A 53 9.25 4.55 10.57
C ILE A 53 8.59 5.87 10.90
N PRO A 54 7.37 5.83 11.47
CA PRO A 54 6.72 7.09 11.82
C PRO A 54 7.45 7.79 12.96
N VAL A 55 7.76 9.06 12.76
CA VAL A 55 8.44 9.87 13.76
C VAL A 55 7.64 11.15 13.95
N GLY A 56 6.35 11.07 13.62
CA GLY A 56 5.45 12.20 13.74
C GLY A 56 4.19 11.92 12.95
N LEU A 57 3.21 12.82 12.97
CA LEU A 57 1.97 12.63 12.23
C LEU A 57 2.23 12.68 10.73
N ARG A 58 2.20 11.51 10.10
CA ARG A 58 2.48 11.43 8.67
C ARG A 58 3.87 11.99 8.36
N VAL A 59 4.79 11.78 9.30
CA VAL A 59 6.18 12.18 9.15
C VAL A 59 6.94 10.88 9.33
N VAL A 60 7.82 10.54 8.39
CA VAL A 60 8.56 9.29 8.49
C VAL A 60 10.06 9.43 8.32
N ALA A 61 10.76 8.40 8.78
CA ALA A 61 12.20 8.31 8.60
C ALA A 61 12.21 7.21 7.55
N ILE A 62 13.09 7.32 6.56
CA ILE A 62 13.20 6.30 5.50
C ILE A 62 14.59 5.72 5.63
N GLN A 63 14.67 4.52 6.17
CA GLN A 63 15.96 3.87 6.41
C GLN A 63 16.18 2.60 5.58
N GLY A 64 17.33 2.52 4.94
CA GLY A 64 17.65 1.34 4.15
C GLY A 64 17.83 0.19 5.12
N VAL A 65 17.10 -0.90 4.92
CA VAL A 65 17.21 -2.05 5.82
C VAL A 65 18.60 -2.66 5.88
N GLN A 66 19.21 -2.88 4.71
CA GLN A 66 20.52 -3.49 4.62
C GLN A 66 21.67 -2.64 5.15
N THR A 67 21.62 -1.34 4.88
CA THR A 67 22.67 -0.43 5.31
C THR A 67 22.39 0.29 6.63
N LYS A 68 21.14 0.34 7.03
CA LYS A 68 20.73 1.02 8.26
C LYS A 68 20.86 2.54 8.12
N LEU A 69 21.18 3.01 6.92
CA LEU A 69 21.33 4.44 6.68
C LEU A 69 19.98 5.12 6.41
N TYR A 70 19.85 6.36 6.87
CA TYR A 70 18.63 7.13 6.65
C TYR A 70 18.79 8.02 5.43
N LEU A 71 17.72 8.19 4.66
CA LEU A 71 17.78 9.10 3.53
C LEU A 71 17.58 10.47 4.17
N ALA A 72 18.20 11.50 3.58
CA ALA A 72 18.08 12.86 4.11
C ALA A 72 18.27 13.87 2.98
N MET A 73 17.81 15.09 3.19
CA MET A 73 17.92 16.15 2.20
C MET A 73 18.53 17.38 2.87
N ASN A 74 19.61 17.92 2.30
CA ASN A 74 20.24 19.09 2.92
C ASN A 74 19.65 20.41 2.45
N SER A 75 20.17 21.50 2.99
CA SER A 75 19.67 22.83 2.68
C SER A 75 19.82 23.26 1.23
N GLU A 76 20.61 22.53 0.46
CA GLU A 76 20.79 22.84 -0.95
C GLU A 76 19.87 21.97 -1.81
N GLY A 77 19.13 21.10 -1.16
CA GLY A 77 18.21 20.23 -1.88
C GLY A 77 18.75 18.88 -2.30
N TYR A 78 20.00 18.59 -1.94
CA TYR A 78 20.58 17.30 -2.31
C TYR A 78 20.19 16.19 -1.34
N LEU A 79 19.93 15.00 -1.89
CA LEU A 79 19.61 13.85 -1.07
C LEU A 79 20.92 13.14 -0.76
N TYR A 80 21.06 12.70 0.48
CA TYR A 80 22.27 12.01 0.90
C TYR A 80 21.88 11.00 1.99
N THR A 81 22.83 10.16 2.39
CA THR A 81 22.55 9.17 3.41
C THR A 81 23.17 9.59 4.73
N SER A 82 22.42 9.37 5.81
CA SER A 82 22.87 9.75 7.15
C SER A 82 22.89 8.55 8.09
N GLU A 83 23.96 8.43 8.88
CA GLU A 83 24.05 7.32 9.82
C GLU A 83 23.16 7.66 11.02
N LEU A 84 23.14 8.92 11.41
CA LEU A 84 22.32 9.34 12.53
C LEU A 84 21.00 9.94 12.07
N PHE A 85 19.96 9.78 12.89
CA PHE A 85 18.66 10.34 12.57
C PHE A 85 18.66 11.80 13.01
N THR A 86 18.49 12.70 12.06
CA THR A 86 18.48 14.13 12.33
C THR A 86 17.26 14.80 11.70
N PRO A 87 17.09 16.11 11.90
CA PRO A 87 15.93 16.80 11.31
C PRO A 87 15.87 16.68 9.80
N GLU A 88 17.02 16.55 9.15
CA GLU A 88 17.05 16.42 7.69
C GLU A 88 16.66 15.03 7.22
N CYS A 89 16.37 14.12 8.16
CA CYS A 89 15.95 12.76 7.84
C CYS A 89 14.43 12.59 7.90
N LYS A 90 13.74 13.65 8.31
CA LYS A 90 12.28 13.59 8.40
C LYS A 90 11.60 13.97 7.11
N PHE A 91 10.66 13.13 6.67
CA PHE A 91 9.92 13.37 5.44
C PHE A 91 8.43 13.35 5.67
N LYS A 92 7.74 14.40 5.21
CA LYS A 92 6.30 14.45 5.35
C LYS A 92 5.75 13.54 4.27
N GLU A 93 4.88 12.61 4.65
CA GLU A 93 4.27 11.67 3.71
C GLU A 93 2.93 12.20 3.25
N SER A 94 2.71 12.26 1.94
CA SER A 94 1.45 12.75 1.39
C SER A 94 0.93 11.80 0.32
N VAL A 95 -0.36 11.46 0.41
CA VAL A 95 -0.98 10.58 -0.56
C VAL A 95 -1.30 11.35 -1.82
N PHE A 96 -1.05 10.75 -2.97
CA PHE A 96 -1.31 11.41 -4.25
C PHE A 96 -2.08 10.46 -5.19
N GLU A 97 -3.19 10.94 -5.73
CA GLU A 97 -4.01 10.15 -6.63
C GLU A 97 -4.33 8.76 -6.07
N ASN A 98 -4.72 8.74 -4.80
CA ASN A 98 -5.13 7.52 -4.10
C ASN A 98 -4.10 6.42 -3.82
N TYR A 99 -3.31 6.05 -4.83
CA TYR A 99 -2.35 4.97 -4.66
C TYR A 99 -0.91 5.37 -4.43
N TYR A 100 -0.56 6.59 -4.80
CA TYR A 100 0.81 7.06 -4.64
C TYR A 100 1.03 7.88 -3.38
N VAL A 101 2.30 8.02 -3.00
CA VAL A 101 2.69 8.80 -1.86
C VAL A 101 3.88 9.64 -2.27
N THR A 102 4.02 10.81 -1.66
CA THR A 102 5.14 11.69 -1.93
C THR A 102 5.80 11.92 -0.58
N TYR A 103 7.09 12.23 -0.61
CA TYR A 103 7.87 12.46 0.59
C TYR A 103 8.58 13.79 0.41
N SER A 104 8.36 14.72 1.34
CA SER A 104 8.99 16.03 1.24
C SER A 104 9.72 16.45 2.50
N SER A 105 10.68 17.35 2.35
CA SER A 105 11.45 17.85 3.48
C SER A 105 10.54 18.56 4.48
N MET A 106 10.84 18.40 5.77
CA MET A 106 10.04 19.04 6.81
C MET A 106 10.59 20.42 7.16
N ILE A 107 11.83 20.69 6.75
CA ILE A 107 12.46 21.95 7.08
C ILE A 107 12.85 22.86 5.92
N TYR A 108 12.97 22.30 4.72
CA TYR A 108 13.34 23.13 3.55
C TYR A 108 12.22 23.22 2.52
N ARG A 109 12.09 24.38 1.90
CA ARG A 109 11.10 24.62 0.86
C ARG A 109 11.45 25.92 0.13
N GLN A 110 10.74 26.21 -0.96
CA GLN A 110 10.99 27.41 -1.75
C GLN A 110 10.68 28.67 -0.94
N GLN A 111 11.64 29.59 -0.88
CA GLN A 111 11.49 30.83 -0.13
C GLN A 111 10.46 31.79 -0.71
N GLN A 112 10.13 31.63 -1.99
CA GLN A 112 9.17 32.53 -2.63
C GLN A 112 7.73 32.06 -2.55
N SER A 113 7.47 30.82 -2.96
CA SER A 113 6.11 30.27 -2.95
C SER A 113 5.81 29.38 -1.75
N GLY A 114 6.85 28.85 -1.12
CA GLY A 114 6.64 27.98 0.02
C GLY A 114 6.44 26.56 -0.49
N ARG A 115 6.65 26.38 -1.79
CA ARG A 115 6.52 25.07 -2.44
C ARG A 115 7.54 24.10 -1.83
N GLY A 116 7.08 22.92 -1.46
CA GLY A 116 7.98 21.95 -0.85
C GLY A 116 9.03 21.33 -1.75
N TRP A 117 10.02 20.70 -1.11
CA TRP A 117 11.11 20.01 -1.79
C TRP A 117 10.81 18.52 -1.62
N TYR A 118 10.86 17.77 -2.71
CA TYR A 118 10.52 16.35 -2.65
C TYR A 118 11.56 15.33 -3.10
N LEU A 119 11.36 14.11 -2.62
CA LEU A 119 12.19 12.97 -2.99
C LEU A 119 11.70 12.60 -4.38
N GLY A 120 12.59 12.42 -5.34
CA GLY A 120 12.15 12.07 -6.68
C GLY A 120 13.21 11.40 -7.53
N LEU A 121 12.76 10.64 -8.52
CA LEU A 121 13.65 9.95 -9.45
C LEU A 121 13.23 10.37 -10.86
N ASN A 122 14.21 10.68 -11.72
CA ASN A 122 13.89 11.08 -13.08
C ASN A 122 13.56 9.85 -13.93
N LYS A 123 13.34 10.06 -15.21
CA LYS A 123 13.00 8.97 -16.12
C LYS A 123 14.13 7.96 -16.30
N GLU A 124 15.34 8.35 -15.94
CA GLU A 124 16.48 7.45 -16.03
C GLU A 124 16.73 6.75 -14.71
N GLY A 125 15.85 7.01 -13.74
CA GLY A 125 15.99 6.39 -12.43
C GLY A 125 17.11 6.97 -11.61
N GLU A 126 17.41 8.25 -11.85
CA GLU A 126 18.48 8.94 -11.13
C GLU A 126 17.84 9.88 -10.10
N ILE A 127 18.47 9.98 -8.93
CA ILE A 127 17.95 10.82 -7.86
C ILE A 127 18.01 12.30 -8.27
N MET A 128 16.95 13.03 -7.97
CA MET A 128 16.86 14.45 -8.32
C MET A 128 17.01 15.37 -7.11
N LYS A 129 17.29 16.64 -7.37
CA LYS A 129 17.40 17.61 -6.29
C LYS A 129 15.99 17.87 -5.81
N GLY A 130 15.82 17.95 -4.49
CA GLY A 130 14.50 18.17 -3.94
C GLY A 130 13.72 19.36 -4.50
N ASN A 131 14.41 20.48 -4.73
CA ASN A 131 13.75 21.68 -5.24
C ASN A 131 13.38 21.60 -6.71
N HIS A 132 13.78 20.52 -7.37
CA HIS A 132 13.48 20.31 -8.78
C HIS A 132 12.30 19.35 -8.95
N VAL A 133 11.90 18.70 -7.86
CA VAL A 133 10.80 17.74 -7.90
C VAL A 133 9.48 18.37 -7.45
N LYS A 134 8.49 18.40 -8.33
CA LYS A 134 7.19 18.97 -8.01
C LYS A 134 6.20 17.86 -7.59
N LYS A 135 5.35 18.18 -6.60
CA LYS A 135 4.39 17.24 -6.06
C LYS A 135 3.42 16.62 -7.08
N ASN A 136 3.07 17.35 -8.13
CA ASN A 136 2.13 16.81 -9.11
C ASN A 136 2.79 16.09 -10.28
N LYS A 137 4.10 15.96 -10.26
CA LYS A 137 4.82 15.28 -11.32
C LYS A 137 5.16 13.85 -10.92
N PRO A 138 5.11 12.91 -11.89
CA PRO A 138 5.40 11.49 -11.66
C PRO A 138 6.72 11.26 -10.93
N ALA A 139 7.69 12.15 -11.15
CA ALA A 139 9.00 12.02 -10.49
C ALA A 139 8.87 11.88 -8.98
N ALA A 140 7.88 12.58 -8.41
CA ALA A 140 7.66 12.58 -6.96
C ALA A 140 6.77 11.47 -6.44
N HIS A 141 6.15 10.71 -7.34
CA HIS A 141 5.22 9.66 -6.97
C HIS A 141 5.79 8.26 -6.78
N PHE A 142 5.48 7.66 -5.63
CA PHE A 142 5.93 6.33 -5.29
C PHE A 142 4.78 5.43 -4.90
N LEU A 143 4.81 4.21 -5.42
CA LEU A 143 3.80 3.21 -5.10
C LEU A 143 4.48 2.31 -4.06
N PRO A 144 4.08 2.39 -2.79
CA PRO A 144 4.75 1.52 -1.82
C PRO A 144 4.36 0.05 -1.99
N LYS A 145 5.35 -0.83 -1.89
CA LYS A 145 5.13 -2.27 -2.03
C LYS A 145 5.60 -2.91 -0.73
N PRO A 146 4.73 -2.92 0.30
CA PRO A 146 5.01 -3.47 1.62
C PRO A 146 5.42 -4.94 1.65
N LEU A 147 6.30 -5.26 2.59
CA LEU A 147 6.78 -6.62 2.80
C LEU A 147 6.12 -7.10 4.08
N LYS A 148 6.12 -6.25 5.11
CA LYS A 148 5.53 -6.59 6.38
C LYS A 148 5.52 -5.40 7.35
N VAL A 149 4.64 -5.48 8.35
CA VAL A 149 4.55 -4.44 9.37
C VAL A 149 5.56 -4.85 10.43
N ALA A 150 6.16 -3.89 11.11
CA ALA A 150 7.14 -4.21 12.14
C ALA A 150 7.19 -3.17 13.24
N MET A 151 7.82 -3.52 14.35
CA MET A 151 7.95 -2.61 15.48
C MET A 151 9.34 -2.03 15.48
N TYR A 152 9.43 -0.73 15.78
CA TYR A 152 10.72 -0.06 15.80
C TYR A 152 10.93 0.76 17.06
N LYS A 153 12.20 0.89 17.42
CA LYS A 153 12.60 1.71 18.55
C LYS A 153 12.58 3.12 17.96
N GLU A 154 11.96 4.08 18.64
CA GLU A 154 11.94 5.44 18.11
C GLU A 154 13.37 5.92 17.95
N PRO A 155 13.79 6.24 16.71
CA PRO A 155 15.14 6.71 16.44
C PRO A 155 15.59 7.87 17.32
N SER A 156 16.82 7.78 17.81
CA SER A 156 17.38 8.83 18.65
C SER A 156 17.62 10.05 17.73
N LEU A 157 17.04 11.19 18.08
CA LEU A 157 17.18 12.39 17.26
C LEU A 157 18.40 13.23 17.63
N HIS A 158 19.21 13.57 16.62
CA HIS A 158 20.41 14.36 16.80
C HIS A 158 20.32 15.67 16.02
N ASP A 159 20.76 16.76 16.65
CA ASP A 159 20.74 18.05 15.97
C ASP A 159 21.75 18.04 14.84
N LEU A 160 21.59 18.98 13.91
CA LEU A 160 22.49 19.10 12.77
C LEU A 160 23.76 19.83 13.19
N PRO B 12 -16.21 5.36 -18.94
CA PRO B 12 -15.92 4.31 -17.95
C PRO B 12 -14.45 3.94 -17.85
N GLN B 13 -13.62 4.93 -17.52
CA GLN B 13 -12.19 4.68 -17.37
C GLN B 13 -11.75 5.06 -15.96
N LEU B 14 -11.92 4.11 -15.05
CA LEU B 14 -11.57 4.29 -13.65
C LEU B 14 -10.15 3.84 -13.41
N LYS B 15 -9.44 4.51 -12.52
CA LYS B 15 -8.07 4.11 -12.20
C LYS B 15 -8.14 3.20 -10.99
N GLY B 16 -7.69 1.96 -11.16
CA GLY B 16 -7.69 1.01 -10.07
C GLY B 16 -6.31 0.46 -9.84
N ILE B 17 -6.20 -0.61 -9.08
CA ILE B 17 -4.89 -1.18 -8.81
C ILE B 17 -4.88 -2.71 -8.88
N VAL B 18 -3.80 -3.26 -9.43
CA VAL B 18 -3.62 -4.70 -9.52
C VAL B 18 -2.80 -4.99 -8.27
N THR B 19 -3.31 -5.86 -7.41
CA THR B 19 -2.63 -6.12 -6.15
C THR B 19 -2.92 -7.48 -5.54
N LYS B 20 -2.07 -7.88 -4.60
CA LYS B 20 -2.27 -9.10 -3.85
C LYS B 20 -2.80 -8.57 -2.53
N LEU B 21 -3.50 -9.41 -1.77
CA LEU B 21 -4.03 -9.00 -0.48
C LEU B 21 -3.51 -10.01 0.53
N TYR B 22 -2.56 -9.56 1.34
CA TYR B 22 -1.95 -10.41 2.34
C TYR B 22 -2.67 -10.31 3.68
N SER B 23 -3.30 -11.40 4.08
CA SER B 23 -4.02 -11.45 5.34
C SER B 23 -3.06 -11.33 6.52
N ARG B 24 -3.46 -10.57 7.52
CA ARG B 24 -2.66 -10.39 8.72
C ARG B 24 -2.44 -11.76 9.38
N GLN B 25 -3.25 -12.74 8.97
CA GLN B 25 -3.18 -14.11 9.48
C GLN B 25 -2.06 -14.93 8.85
N GLY B 26 -1.33 -14.32 7.92
CA GLY B 26 -0.21 -14.99 7.28
C GLY B 26 -0.46 -15.64 5.93
N TYR B 27 -1.64 -15.44 5.36
CA TYR B 27 -1.99 -16.03 4.05
C TYR B 27 -2.38 -15.01 3.00
N HIS B 28 -2.00 -15.28 1.75
CA HIS B 28 -2.37 -14.39 0.66
C HIS B 28 -3.73 -14.84 0.15
N LEU B 29 -4.65 -13.89 0.00
CA LEU B 29 -5.98 -14.23 -0.50
C LEU B 29 -5.84 -14.81 -1.90
N GLN B 30 -6.65 -15.82 -2.19
CA GLN B 30 -6.56 -16.49 -3.48
C GLN B 30 -7.94 -16.84 -4.05
N LEU B 31 -8.09 -16.68 -5.36
CA LEU B 31 -9.33 -16.99 -6.05
C LEU B 31 -8.92 -17.96 -7.16
N GLN B 32 -9.11 -19.26 -6.91
CA GLN B 32 -8.72 -20.28 -7.88
C GLN B 32 -9.69 -20.42 -9.05
N ALA B 33 -9.16 -20.95 -10.15
CA ALA B 33 -9.92 -21.13 -11.38
C ALA B 33 -11.27 -21.82 -11.20
N ASP B 34 -11.42 -22.64 -10.17
CA ASP B 34 -12.68 -23.33 -9.94
C ASP B 34 -13.65 -22.54 -9.06
N GLY B 35 -13.27 -21.30 -8.72
CA GLY B 35 -14.14 -20.47 -7.92
C GLY B 35 -13.97 -20.54 -6.41
N THR B 36 -13.05 -21.39 -5.96
CA THR B 36 -12.80 -21.53 -4.53
C THR B 36 -12.03 -20.32 -4.02
N ILE B 37 -12.39 -19.85 -2.83
CA ILE B 37 -11.73 -18.70 -2.23
C ILE B 37 -11.06 -19.13 -0.95
N ASP B 38 -9.76 -18.87 -0.84
CA ASP B 38 -9.01 -19.24 0.36
C ASP B 38 -7.67 -18.49 0.42
N GLY B 39 -6.84 -18.88 1.37
CA GLY B 39 -5.53 -18.26 1.51
C GLY B 39 -4.42 -19.24 1.19
N THR B 40 -3.34 -18.75 0.59
CA THR B 40 -2.22 -19.61 0.25
C THR B 40 -0.89 -18.96 0.56
N LYS B 41 0.14 -19.79 0.69
CA LYS B 41 1.49 -19.31 0.98
C LYS B 41 2.27 -19.27 -0.32
N ASP B 42 1.66 -19.75 -1.39
CA ASP B 42 2.31 -19.72 -2.69
C ASP B 42 2.17 -18.31 -3.24
N GLU B 43 2.88 -17.39 -2.62
CA GLU B 43 2.86 -15.99 -3.01
C GLU B 43 2.96 -15.85 -4.52
N ASP B 44 3.81 -16.66 -5.13
CA ASP B 44 4.03 -16.63 -6.57
C ASP B 44 2.84 -17.11 -7.41
N SER B 45 1.77 -17.54 -6.74
CA SER B 45 0.58 -18.02 -7.46
C SER B 45 -0.07 -16.89 -8.24
N THR B 46 -0.42 -17.15 -9.49
CA THR B 46 -1.05 -16.15 -10.34
C THR B 46 -2.48 -15.90 -9.88
N TYR B 47 -3.00 -16.79 -9.04
CA TYR B 47 -4.36 -16.69 -8.53
C TYR B 47 -4.51 -15.78 -7.33
N THR B 48 -3.42 -15.13 -6.93
CA THR B 48 -3.46 -14.22 -5.80
C THR B 48 -3.53 -12.77 -6.28
N LEU B 49 -3.55 -12.58 -7.59
CA LEU B 49 -3.64 -11.25 -8.17
C LEU B 49 -5.08 -10.80 -8.34
N PHE B 50 -5.40 -9.62 -7.84
CA PHE B 50 -6.75 -9.08 -7.93
C PHE B 50 -6.78 -7.67 -8.48
N ASN B 51 -7.90 -7.35 -9.12
CA ASN B 51 -8.13 -6.00 -9.63
C ASN B 51 -9.02 -5.36 -8.55
N LEU B 52 -8.53 -4.28 -7.94
CA LEU B 52 -9.32 -3.57 -6.94
C LEU B 52 -9.81 -2.34 -7.68
N ILE B 53 -11.03 -2.43 -8.17
CA ILE B 53 -11.65 -1.38 -8.97
C ILE B 53 -12.64 -0.51 -8.20
N PRO B 54 -12.39 0.80 -8.15
CA PRO B 54 -13.31 1.68 -7.43
C PRO B 54 -14.65 1.74 -8.17
N VAL B 55 -15.73 1.51 -7.44
CA VAL B 55 -17.08 1.58 -8.01
C VAL B 55 -17.91 2.47 -7.10
N GLY B 56 -17.23 3.35 -6.37
CA GLY B 56 -17.87 4.27 -5.46
C GLY B 56 -16.83 4.84 -4.51
N LEU B 57 -17.23 5.76 -3.63
CA LEU B 57 -16.30 6.36 -2.69
C LEU B 57 -15.81 5.32 -1.68
N ARG B 58 -14.57 4.87 -1.85
CA ARG B 58 -14.01 3.85 -0.99
C ARG B 58 -14.86 2.58 -1.03
N VAL B 59 -15.44 2.33 -2.21
CA VAL B 59 -16.22 1.12 -2.46
C VAL B 59 -15.50 0.47 -3.62
N VAL B 60 -15.17 -0.81 -3.49
CA VAL B 60 -14.45 -1.49 -4.57
C VAL B 60 -15.06 -2.81 -5.00
N ALA B 61 -14.67 -3.25 -6.19
CA ALA B 61 -15.06 -4.54 -6.70
C ALA B 61 -13.71 -5.24 -6.56
N ILE B 62 -13.72 -6.51 -6.14
CA ILE B 62 -12.49 -7.26 -5.98
C ILE B 62 -12.57 -8.41 -6.97
N GLN B 63 -11.83 -8.30 -8.06
CA GLN B 63 -11.87 -9.30 -9.12
C GLN B 63 -10.56 -10.06 -9.32
N GLY B 64 -10.66 -11.38 -9.38
CA GLY B 64 -9.47 -12.19 -9.61
C GLY B 64 -8.99 -11.92 -11.02
N VAL B 65 -7.73 -11.54 -11.17
CA VAL B 65 -7.19 -11.24 -12.50
C VAL B 65 -7.23 -12.42 -13.46
N GLN B 66 -6.80 -13.58 -12.98
CA GLN B 66 -6.74 -14.79 -13.80
C GLN B 66 -8.09 -15.37 -14.20
N THR B 67 -9.04 -15.34 -13.27
CA THR B 67 -10.37 -15.89 -13.50
C THR B 67 -11.42 -14.87 -13.95
N LYS B 68 -11.16 -13.60 -13.68
CA LYS B 68 -12.07 -12.51 -14.04
C LYS B 68 -13.33 -12.54 -13.14
N LEU B 69 -13.33 -13.42 -12.15
CA LEU B 69 -14.48 -13.54 -11.25
C LEU B 69 -14.42 -12.52 -10.12
N TYR B 70 -15.60 -12.03 -9.72
CA TYR B 70 -15.68 -11.06 -8.63
C TYR B 70 -15.97 -11.78 -7.32
N LEU B 71 -15.38 -11.29 -6.23
CA LEU B 71 -15.68 -11.88 -4.93
C LEU B 71 -17.01 -11.23 -4.54
N ALA B 72 -17.84 -11.96 -3.81
CA ALA B 72 -19.15 -11.44 -3.40
C ALA B 72 -19.58 -12.13 -2.11
N MET B 73 -20.51 -11.51 -1.39
CA MET B 73 -21.02 -12.05 -0.14
C MET B 73 -22.55 -12.06 -0.19
N ASN B 74 -23.16 -13.21 0.06
CA ASN B 74 -24.62 -13.28 0.00
C ASN B 74 -25.29 -12.92 1.31
N SER B 75 -26.63 -12.95 1.31
CA SER B 75 -27.41 -12.58 2.49
C SER B 75 -27.20 -13.46 3.71
N GLU B 76 -26.58 -14.63 3.52
CA GLU B 76 -26.32 -15.51 4.64
C GLU B 76 -24.91 -15.31 5.16
N GLY B 77 -24.16 -14.40 4.52
CA GLY B 77 -22.80 -14.12 4.95
C GLY B 77 -21.71 -14.95 4.28
N TYR B 78 -22.10 -15.82 3.34
CA TYR B 78 -21.10 -16.62 2.65
C TYR B 78 -20.43 -15.88 1.50
N LEU B 79 -19.13 -16.10 1.36
CA LEU B 79 -18.39 -15.49 0.26
C LEU B 79 -18.44 -16.46 -0.91
N TYR B 80 -18.62 -15.92 -2.11
CA TYR B 80 -18.69 -16.76 -3.30
C TYR B 80 -18.17 -15.94 -4.47
N THR B 81 -17.99 -16.59 -5.62
CA THR B 81 -17.48 -15.90 -6.79
C THR B 81 -18.61 -15.63 -7.77
N SER B 82 -18.60 -14.44 -8.37
CA SER B 82 -19.64 -14.04 -9.30
C SER B 82 -19.04 -13.65 -10.64
N GLU B 83 -19.67 -14.12 -11.73
CA GLU B 83 -19.21 -13.79 -13.06
C GLU B 83 -19.63 -12.36 -13.38
N LEU B 84 -20.84 -11.99 -12.95
CA LEU B 84 -21.34 -10.66 -13.20
C LEU B 84 -21.16 -9.76 -11.98
N PHE B 85 -20.98 -8.46 -12.23
CA PHE B 85 -20.81 -7.50 -11.16
C PHE B 85 -22.19 -7.11 -10.66
N THR B 86 -22.47 -7.40 -9.39
CA THR B 86 -23.77 -7.11 -8.79
C THR B 86 -23.60 -6.38 -7.46
N PRO B 87 -24.71 -6.02 -6.80
CA PRO B 87 -24.62 -5.31 -5.52
C PRO B 87 -23.85 -6.11 -4.46
N GLU B 88 -23.91 -7.43 -4.55
CA GLU B 88 -23.20 -8.28 -3.58
C GLU B 88 -21.70 -8.34 -3.85
N CYS B 89 -21.25 -7.66 -4.90
CA CYS B 89 -19.83 -7.63 -5.26
C CYS B 89 -19.14 -6.37 -4.76
N LYS B 90 -19.92 -5.45 -4.19
CA LYS B 90 -19.38 -4.20 -3.68
C LYS B 90 -18.88 -4.32 -2.25
N PHE B 91 -17.66 -3.86 -2.00
CA PHE B 91 -17.07 -3.90 -0.68
C PHE B 91 -16.59 -2.54 -0.23
N LYS B 92 -17.02 -2.13 0.96
CA LYS B 92 -16.58 -0.85 1.51
C LYS B 92 -15.17 -1.10 2.01
N GLU B 93 -14.23 -0.25 1.58
CA GLU B 93 -12.84 -0.36 1.95
C GLU B 93 -12.55 0.57 3.15
N SER B 94 -11.99 0.03 4.22
CA SER B 94 -11.69 0.81 5.42
C SER B 94 -10.25 0.57 5.89
N VAL B 95 -9.54 1.65 6.18
CA VAL B 95 -8.16 1.54 6.66
C VAL B 95 -8.17 1.18 8.13
N PHE B 96 -7.28 0.27 8.52
CA PHE B 96 -7.18 -0.14 9.92
C PHE B 96 -5.73 -0.12 10.38
N GLU B 97 -5.49 0.55 11.51
CA GLU B 97 -4.14 0.65 12.05
C GLU B 97 -3.10 1.10 11.02
N ASN B 98 -3.47 2.12 10.25
CA ASN B 98 -2.59 2.71 9.24
C ASN B 98 -2.19 1.91 8.01
N TYR B 99 -1.75 0.67 8.20
CA TYR B 99 -1.29 -0.14 7.09
C TYR B 99 -2.27 -1.17 6.53
N TYR B 100 -3.25 -1.55 7.35
CA TYR B 100 -4.22 -2.55 6.91
C TYR B 100 -5.50 -1.94 6.36
N VAL B 101 -6.24 -2.78 5.63
CA VAL B 101 -7.53 -2.40 5.07
C VAL B 101 -8.49 -3.53 5.35
N THR B 102 -9.77 -3.18 5.49
CA THR B 102 -10.81 -4.17 5.70
C THR B 102 -11.81 -3.96 4.58
N TYR B 103 -12.54 -5.01 4.25
CA TYR B 103 -13.52 -4.97 3.17
C TYR B 103 -14.81 -5.53 3.74
N SER B 104 -15.89 -4.75 3.66
CA SER B 104 -17.16 -5.20 4.20
C SER B 104 -18.32 -5.06 3.22
N SER B 105 -19.36 -5.85 3.42
CA SER B 105 -20.53 -5.81 2.56
C SER B 105 -21.19 -4.44 2.62
N MET B 106 -21.71 -3.99 1.48
CA MET B 106 -22.37 -2.69 1.41
C MET B 106 -23.86 -2.82 1.69
N ILE B 107 -24.38 -4.04 1.61
CA ILE B 107 -25.80 -4.27 1.81
C ILE B 107 -26.22 -5.14 2.99
N TYR B 108 -25.31 -5.95 3.52
CA TYR B 108 -25.65 -6.81 4.65
C TYR B 108 -24.87 -6.45 5.91
N ARG B 109 -25.52 -6.58 7.05
CA ARG B 109 -24.92 -6.30 8.35
C ARG B 109 -25.82 -6.88 9.45
N GLN B 110 -25.33 -6.86 10.70
CA GLN B 110 -26.10 -7.39 11.83
C GLN B 110 -27.36 -6.56 12.07
N GLN B 111 -28.50 -7.23 12.13
CA GLN B 111 -29.78 -6.57 12.33
C GLN B 111 -29.96 -5.94 13.71
N GLN B 112 -29.17 -6.38 14.69
CA GLN B 112 -29.28 -5.85 16.04
C GLN B 112 -28.38 -4.66 16.32
N SER B 113 -27.09 -4.80 16.04
CA SER B 113 -26.13 -3.73 16.30
C SER B 113 -25.78 -2.90 15.07
N GLY B 114 -26.01 -3.46 13.89
CA GLY B 114 -25.67 -2.75 12.68
C GLY B 114 -24.22 -3.00 12.33
N ARG B 115 -23.61 -3.91 13.09
CA ARG B 115 -22.21 -4.30 12.90
C ARG B 115 -22.04 -4.90 11.50
N GLY B 116 -21.03 -4.43 10.78
CA GLY B 116 -20.81 -4.92 9.42
C GLY B 116 -20.33 -6.35 9.29
N TRP B 117 -20.43 -6.87 8.07
CA TRP B 117 -19.99 -8.22 7.72
C TRP B 117 -18.73 -8.03 6.89
N TYR B 118 -17.67 -8.75 7.25
CA TYR B 118 -16.39 -8.58 6.56
C TYR B 118 -15.74 -9.78 5.89
N LEU B 119 -14.87 -9.48 4.94
CA LEU B 119 -14.08 -10.47 4.24
C LEU B 119 -13.01 -10.86 5.25
N GLY B 120 -12.79 -12.16 5.46
CA GLY B 120 -11.78 -12.57 6.41
C GLY B 120 -11.27 -13.98 6.24
N LEU B 121 -10.04 -14.22 6.71
CA LEU B 121 -9.42 -15.54 6.64
C LEU B 121 -9.02 -15.94 8.05
N ASN B 122 -9.30 -17.18 8.44
CA ASN B 122 -8.94 -17.65 9.78
C ASN B 122 -7.45 -17.95 9.84
N LYS B 123 -7.00 -18.46 10.99
CA LYS B 123 -5.59 -18.79 11.19
C LYS B 123 -5.11 -19.91 10.28
N GLU B 124 -6.04 -20.68 9.73
CA GLU B 124 -5.69 -21.77 8.83
C GLU B 124 -5.75 -21.30 7.40
N GLY B 125 -6.03 -20.02 7.21
CA GLY B 125 -6.11 -19.48 5.86
C GLY B 125 -7.36 -19.90 5.11
N GLU B 126 -8.43 -20.15 5.87
CA GLU B 126 -9.71 -20.57 5.29
C GLU B 126 -10.67 -19.38 5.34
N ILE B 127 -11.47 -19.24 4.28
CA ILE B 127 -12.43 -18.15 4.19
C ILE B 127 -13.49 -18.28 5.27
N MET B 128 -13.83 -17.16 5.90
CA MET B 128 -14.82 -17.13 6.97
C MET B 128 -16.15 -16.50 6.53
N LYS B 129 -17.19 -16.75 7.32
CA LYS B 129 -18.50 -16.19 7.04
C LYS B 129 -18.38 -14.71 7.42
N GLY B 130 -18.93 -13.84 6.58
CA GLY B 130 -18.85 -12.41 6.84
C GLY B 130 -19.31 -11.97 8.22
N ASN B 131 -20.40 -12.54 8.72
CA ASN B 131 -20.93 -12.16 10.03
C ASN B 131 -20.11 -12.68 11.20
N HIS B 132 -19.09 -13.48 10.91
CA HIS B 132 -18.22 -14.02 11.95
C HIS B 132 -16.92 -13.23 12.03
N VAL B 133 -16.68 -12.37 11.05
CA VAL B 133 -15.46 -11.56 11.00
C VAL B 133 -15.67 -10.16 11.57
N LYS B 134 -14.96 -9.84 12.66
CA LYS B 134 -15.07 -8.50 13.27
C LYS B 134 -13.97 -7.57 12.76
N LYS B 135 -14.32 -6.30 12.58
CA LYS B 135 -13.39 -5.31 12.07
C LYS B 135 -12.10 -5.11 12.87
N ASN B 136 -12.13 -5.33 14.18
CA ASN B 136 -10.93 -5.14 14.99
C ASN B 136 -10.09 -6.40 15.16
N LYS B 137 -10.49 -7.49 14.51
CA LYS B 137 -9.75 -8.74 14.62
C LYS B 137 -8.86 -8.95 13.40
N PRO B 138 -7.67 -9.52 13.59
CA PRO B 138 -6.70 -9.78 12.51
C PRO B 138 -7.30 -10.51 11.32
N ALA B 139 -8.32 -11.34 11.56
CA ALA B 139 -8.96 -12.07 10.48
C ALA B 139 -9.44 -11.14 9.37
N ALA B 140 -9.87 -9.94 9.74
CA ALA B 140 -10.39 -8.96 8.79
C ALA B 140 -9.36 -8.03 8.17
N HIS B 141 -8.12 -8.09 8.66
CA HIS B 141 -7.07 -7.21 8.20
C HIS B 141 -6.20 -7.74 7.05
N PHE B 142 -6.07 -6.90 6.02
CA PHE B 142 -5.26 -7.22 4.85
C PHE B 142 -4.25 -6.14 4.55
N LEU B 143 -3.04 -6.56 4.23
CA LEU B 143 -1.97 -5.65 3.86
C LEU B 143 -1.90 -5.73 2.33
N PRO B 144 -2.34 -4.67 1.63
CA PRO B 144 -2.30 -4.72 0.17
C PRO B 144 -0.86 -4.69 -0.35
N LYS B 145 -0.55 -5.54 -1.33
CA LYS B 145 0.78 -5.59 -1.92
C LYS B 145 0.60 -5.33 -3.41
N PRO B 146 0.51 -4.05 -3.80
CA PRO B 146 0.33 -3.59 -5.18
C PRO B 146 1.36 -4.06 -6.18
N LEU B 147 0.89 -4.30 -7.40
CA LEU B 147 1.75 -4.72 -8.52
C LEU B 147 1.87 -3.50 -9.42
N LYS B 148 0.75 -2.85 -9.68
CA LYS B 148 0.72 -1.68 -10.55
C LYS B 148 -0.66 -1.03 -10.59
N VAL B 149 -0.69 0.23 -10.98
CA VAL B 149 -1.94 0.96 -11.11
C VAL B 149 -2.42 0.67 -12.52
N ALA B 150 -3.73 0.65 -12.73
CA ALA B 150 -4.26 0.38 -14.07
C ALA B 150 -5.60 1.05 -14.31
N MET B 151 -6.00 1.09 -15.57
CA MET B 151 -7.27 1.71 -15.94
C MET B 151 -8.28 0.62 -16.19
N TYR B 152 -9.51 0.83 -15.73
CA TYR B 152 -10.56 -0.16 -15.92
C TYR B 152 -11.85 0.43 -16.45
N LYS B 153 -12.58 -0.40 -17.17
CA LYS B 153 -13.88 -0.01 -17.70
C LYS B 153 -14.79 -0.21 -16.49
N GLU B 154 -15.63 0.77 -16.19
CA GLU B 154 -16.53 0.65 -15.05
C GLU B 154 -17.41 -0.58 -15.27
N PRO B 155 -17.31 -1.58 -14.37
CA PRO B 155 -18.09 -2.81 -14.48
C PRO B 155 -19.58 -2.57 -14.65
N SER B 156 -20.19 -3.34 -15.57
CA SER B 156 -21.62 -3.24 -15.82
C SER B 156 -22.33 -3.82 -14.59
N LEU B 157 -23.21 -3.03 -13.98
CA LEU B 157 -23.92 -3.47 -12.79
C LEU B 157 -25.22 -4.21 -13.09
N HIS B 158 -25.37 -5.41 -12.51
CA HIS B 158 -26.57 -6.22 -12.70
C HIS B 158 -27.28 -6.45 -11.38
N ASP B 159 -28.60 -6.37 -11.39
CA ASP B 159 -29.35 -6.58 -10.17
C ASP B 159 -29.31 -8.06 -9.81
N LEU B 160 -29.61 -8.37 -8.55
CA LEU B 160 -29.60 -9.74 -8.07
C LEU B 160 -30.92 -10.43 -8.46
#